data_3C96
#
_entry.id   3C96
#
_cell.length_a   64.147
_cell.length_b   65.261
_cell.length_c   88.579
_cell.angle_alpha   90.00
_cell.angle_beta   90.00
_cell.angle_gamma   90.00
#
_symmetry.space_group_name_H-M   'P 21 21 2'
#
loop_
_entity.id
_entity.type
_entity.pdbx_description
1 polymer 'Flavin-containing monooxygenase'
2 non-polymer 'FLAVIN-ADENINE DINUCLEOTIDE'
3 water water
#
_entity_poly.entity_id   1
_entity_poly.type   'polypeptide(L)'
_entity_poly.pdbx_seq_one_letter_code
;MSEPIDILIAGAGIGGLSCALALHQAGIGKVTLLESSSEIRPLGVGINIQPAAVEALAELGLGPALAATAIPTHELRYID
QSGATVWSEPRGVEAGNAYPQYSIHRGELQMILLAAVRERLGQQAVRTGLGVERIEERDGRVLIGARDGHGKPQALGADV
LVGADGIHSAVRAHLHPDQRPLSHGGITMWRGVTEFDRFLDGKTMIVANDEHWSRLVAYPISARHAAEGKSLVNWVCMVP
SAAVGQLDNEADWNRDGRLEDVLPFFADWDLGWFDIRDLLTRNQLILQYPMVDRDPLPHWGRGRITLLGDAAHLMYPMGA
NGASQAILDGIELAAALARNADVAAALREYEEARRPTANKIILANREREKEEWAAASRPKTEKSAALEAITGSYRNQVER
PRLEHHHHHH
;
_entity_poly.pdbx_strand_id   A
#
# COMPACT_ATOMS: atom_id res chain seq x y z
N PRO A 4 0.70 -2.64 -31.78
CA PRO A 4 0.16 -2.62 -30.40
C PRO A 4 -0.20 -1.21 -29.92
N ILE A 5 -1.23 -1.13 -29.08
CA ILE A 5 -1.66 0.16 -28.55
C ILE A 5 -0.60 0.71 -27.60
N ASP A 6 -0.51 2.03 -27.53
CA ASP A 6 0.45 2.67 -26.64
C ASP A 6 -0.23 2.89 -25.30
N ILE A 7 0.36 2.38 -24.24
CA ILE A 7 -0.21 2.53 -22.91
C ILE A 7 0.74 3.32 -22.02
N LEU A 8 0.21 4.36 -21.39
CA LEU A 8 1.02 5.18 -20.49
C LEU A 8 0.45 5.01 -19.09
N ILE A 9 1.33 4.73 -18.14
CA ILE A 9 0.92 4.57 -16.75
C ILE A 9 1.55 5.70 -15.95
N ALA A 10 0.73 6.49 -15.27
CA ALA A 10 1.26 7.59 -14.47
C ALA A 10 1.54 7.04 -13.09
N GLY A 11 2.81 7.05 -12.69
CA GLY A 11 3.19 6.53 -11.39
C GLY A 11 3.91 5.21 -11.51
N ALA A 12 5.09 5.09 -10.90
CA ALA A 12 5.87 3.86 -10.94
C ALA A 12 5.96 3.26 -9.55
N GLY A 13 4.84 3.30 -8.82
CA GLY A 13 4.81 2.73 -7.48
C GLY A 13 4.47 1.26 -7.57
N ILE A 14 4.00 0.68 -6.49
CA ILE A 14 3.66 -0.74 -6.48
C ILE A 14 2.62 -1.07 -7.54
N GLY A 15 1.58 -0.25 -7.63
CA GLY A 15 0.52 -0.48 -8.60
C GLY A 15 0.96 -0.31 -10.04
N GLY A 16 1.65 0.79 -10.32
CA GLY A 16 2.09 1.05 -11.68
C GLY A 16 3.03 -0.01 -12.23
N LEU A 17 4.03 -0.38 -11.44
CA LEU A 17 4.99 -1.38 -11.88
C LEU A 17 4.36 -2.75 -12.04
N SER A 18 3.52 -3.14 -11.07
CA SER A 18 2.87 -4.44 -11.14
C SER A 18 1.93 -4.48 -12.34
N CYS A 19 1.28 -3.34 -12.62
CA CYS A 19 0.37 -3.24 -13.74
C CYS A 19 1.11 -3.40 -15.06
N ALA A 20 2.30 -2.81 -15.15
CA ALA A 20 3.10 -2.91 -16.37
C ALA A 20 3.45 -4.38 -16.61
N LEU A 21 3.75 -5.09 -15.53
CA LEU A 21 4.11 -6.52 -15.64
C LEU A 21 2.90 -7.34 -16.07
N ALA A 22 1.72 -7.01 -15.55
CA ALA A 22 0.51 -7.73 -15.91
C ALA A 22 0.15 -7.51 -17.38
N LEU A 23 0.36 -6.29 -17.87
CA LEU A 23 0.07 -5.98 -19.27
C LEU A 23 1.05 -6.72 -20.17
N HIS A 24 2.30 -6.79 -19.75
CA HIS A 24 3.32 -7.49 -20.53
C HIS A 24 2.97 -8.97 -20.56
N GLN A 25 2.54 -9.51 -19.43
CA GLN A 25 2.16 -10.91 -19.32
C GLN A 25 1.04 -11.23 -20.31
N ALA A 26 0.09 -10.31 -20.44
CA ALA A 26 -1.04 -10.49 -21.34
C ALA A 26 -0.67 -10.19 -22.78
N GLY A 27 0.56 -9.75 -23.00
CA GLY A 27 1.02 -9.43 -24.34
C GLY A 27 0.31 -8.20 -24.89
N ILE A 28 -0.05 -7.30 -23.99
CA ILE A 28 -0.79 -6.09 -24.36
C ILE A 28 0.05 -4.81 -24.47
N GLY A 29 -0.01 -4.22 -25.66
CA GLY A 29 0.65 -2.97 -26.00
C GLY A 29 2.09 -2.68 -25.63
N LYS A 30 2.51 -1.46 -25.97
CA LYS A 30 3.84 -0.99 -25.63
C LYS A 30 3.62 -0.09 -24.43
N VAL A 31 4.21 -0.48 -23.31
CA VAL A 31 4.03 0.23 -22.05
C VAL A 31 5.15 1.17 -21.62
N THR A 32 4.77 2.36 -21.19
CA THR A 32 5.71 3.37 -20.72
C THR A 32 5.16 3.91 -19.40
N LEU A 33 6.05 4.13 -18.43
CA LEU A 33 5.64 4.65 -17.14
C LEU A 33 6.29 6.00 -16.89
N LEU A 34 5.53 6.92 -16.30
CA LEU A 34 6.04 8.26 -15.97
C LEU A 34 6.02 8.38 -14.45
N GLU A 35 7.18 8.57 -13.85
CA GLU A 35 7.30 8.70 -12.40
C GLU A 35 7.80 10.09 -12.02
N SER A 36 7.04 10.78 -11.17
CA SER A 36 7.40 12.12 -10.72
C SER A 36 8.73 12.20 -9.98
N SER A 37 9.01 11.19 -9.14
CA SER A 37 10.26 11.19 -8.39
C SER A 37 11.48 11.11 -9.31
N SER A 38 12.54 11.84 -8.95
CA SER A 38 13.76 11.88 -9.75
C SER A 38 14.40 10.49 -9.87
N GLU A 39 14.22 9.67 -8.84
CA GLU A 39 14.77 8.33 -8.84
C GLU A 39 13.87 7.42 -8.02
N ILE A 40 13.71 6.17 -8.44
CA ILE A 40 12.88 5.23 -7.70
C ILE A 40 13.73 4.60 -6.60
N ARG A 41 13.37 4.89 -5.35
CA ARG A 41 14.10 4.41 -4.19
C ARG A 41 13.30 3.39 -3.35
N PRO A 42 13.99 2.51 -2.62
CA PRO A 42 13.31 1.52 -1.78
C PRO A 42 12.79 2.18 -0.50
N LEU A 43 11.83 3.09 -0.66
CA LEU A 43 11.26 3.81 0.48
C LEU A 43 10.02 3.13 1.06
N GLY A 44 9.76 3.44 2.33
CA GLY A 44 8.62 2.91 3.05
C GLY A 44 9.06 1.84 4.03
N VAL A 45 8.13 1.29 4.80
CA VAL A 45 8.48 0.22 5.72
C VAL A 45 7.68 -1.03 5.36
N GLY A 46 7.41 -1.90 6.32
CA GLY A 46 6.70 -3.12 6.02
C GLY A 46 5.24 -3.04 5.60
N ILE A 47 4.86 -3.94 4.71
CA ILE A 47 3.48 -4.05 4.24
C ILE A 47 3.16 -5.54 4.14
N ASN A 48 1.88 -5.88 4.00
CA ASN A 48 1.47 -7.27 3.87
C ASN A 48 0.83 -7.52 2.52
N ILE A 49 1.28 -8.56 1.83
CA ILE A 49 0.72 -8.93 0.54
C ILE A 49 -0.11 -10.19 0.81
N GLN A 50 -1.41 -10.12 0.61
CA GLN A 50 -2.30 -11.25 0.85
C GLN A 50 -2.04 -12.38 -0.15
N PRO A 51 -2.32 -13.64 0.25
CA PRO A 51 -2.10 -14.81 -0.60
C PRO A 51 -2.57 -14.68 -2.06
N ALA A 52 -3.73 -14.07 -2.27
CA ALA A 52 -4.26 -13.88 -3.62
C ALA A 52 -3.33 -12.99 -4.45
N ALA A 53 -2.83 -11.94 -3.81
CA ALA A 53 -1.92 -11.02 -4.47
C ALA A 53 -0.57 -11.71 -4.65
N VAL A 54 -0.17 -12.53 -3.68
CA VAL A 54 1.09 -13.25 -3.80
C VAL A 54 0.99 -14.22 -4.99
N GLU A 55 -0.18 -14.84 -5.14
CA GLU A 55 -0.39 -15.77 -6.26
C GLU A 55 -0.21 -15.06 -7.60
N ALA A 56 -0.73 -13.84 -7.69
CA ALA A 56 -0.61 -13.05 -8.91
C ALA A 56 0.85 -12.78 -9.21
N LEU A 57 1.60 -12.36 -8.19
CA LEU A 57 3.02 -12.07 -8.36
C LEU A 57 3.80 -13.34 -8.73
N ALA A 58 3.39 -14.48 -8.17
CA ALA A 58 4.08 -15.74 -8.46
C ALA A 58 3.84 -16.14 -9.92
N GLU A 59 2.62 -15.89 -10.42
CA GLU A 59 2.32 -16.24 -11.80
C GLU A 59 3.07 -15.28 -12.74
N LEU A 60 3.50 -14.16 -12.18
CA LEU A 60 4.27 -13.16 -12.91
C LEU A 60 5.75 -13.51 -12.86
N GLY A 61 6.07 -14.63 -12.22
CA GLY A 61 7.45 -15.10 -12.12
C GLY A 61 8.30 -14.50 -11.01
N LEU A 62 7.64 -13.93 -10.00
CA LEU A 62 8.36 -13.29 -8.90
C LEU A 62 8.41 -14.12 -7.61
N GLY A 63 7.95 -15.36 -7.69
CA GLY A 63 7.96 -16.22 -6.53
C GLY A 63 9.31 -16.27 -5.83
N PRO A 64 10.38 -16.67 -6.55
CA PRO A 64 11.73 -16.74 -5.97
C PRO A 64 12.23 -15.44 -5.35
N ALA A 65 11.97 -14.32 -6.03
CA ALA A 65 12.40 -13.02 -5.55
C ALA A 65 11.73 -12.71 -4.20
N LEU A 66 10.44 -12.98 -4.11
CA LEU A 66 9.70 -12.74 -2.88
C LEU A 66 10.22 -13.60 -1.73
N ALA A 67 10.42 -14.88 -2.01
CA ALA A 67 10.90 -15.82 -1.00
C ALA A 67 12.29 -15.43 -0.48
N ALA A 68 13.06 -14.74 -1.33
CA ALA A 68 14.40 -14.31 -0.97
C ALA A 68 14.45 -13.08 -0.07
N THR A 69 13.34 -12.36 0.04
CA THR A 69 13.34 -11.15 0.88
C THR A 69 12.22 -11.00 1.90
N ALA A 70 11.05 -11.58 1.61
CA ALA A 70 9.92 -11.45 2.51
C ALA A 70 9.77 -12.60 3.50
N ILE A 71 8.91 -12.40 4.49
CA ILE A 71 8.64 -13.41 5.52
C ILE A 71 7.26 -14.02 5.29
N PRO A 72 7.18 -15.36 5.22
CA PRO A 72 5.90 -16.04 5.02
C PRO A 72 5.17 -16.15 6.36
N THR A 73 4.58 -15.04 6.80
CA THR A 73 3.86 -14.99 8.06
C THR A 73 2.84 -16.13 8.18
N HIS A 74 2.93 -16.90 9.26
CA HIS A 74 2.03 -18.04 9.41
C HIS A 74 1.07 -17.96 10.60
N GLU A 75 1.11 -16.87 11.34
CA GLU A 75 0.22 -16.72 12.49
C GLU A 75 0.05 -15.28 12.94
N LEU A 76 -1.12 -14.98 13.47
CA LEU A 76 -1.42 -13.65 14.02
C LEU A 76 -1.90 -13.91 15.45
N ARG A 77 -1.26 -13.27 16.43
CA ARG A 77 -1.61 -13.42 17.83
C ARG A 77 -2.07 -12.09 18.41
N TYR A 78 -3.26 -12.08 18.99
CA TYR A 78 -3.80 -10.88 19.62
C TYR A 78 -3.50 -11.08 21.10
N ILE A 79 -2.69 -10.20 21.68
CA ILE A 79 -2.33 -10.34 23.08
C ILE A 79 -2.92 -9.22 23.94
N ASP A 80 -3.26 -9.54 25.18
CA ASP A 80 -3.83 -8.53 26.07
C ASP A 80 -2.75 -7.72 26.76
N GLN A 81 -3.16 -6.79 27.61
CA GLN A 81 -2.22 -5.92 28.29
C GLN A 81 -1.31 -6.60 29.32
N SER A 82 -1.50 -7.89 29.54
CA SER A 82 -0.63 -8.61 30.46
C SER A 82 0.37 -9.40 29.60
N GLY A 83 0.16 -9.35 28.28
CA GLY A 83 1.03 -10.03 27.35
C GLY A 83 0.58 -11.43 26.94
N ALA A 84 -0.54 -11.88 27.50
CA ALA A 84 -1.06 -13.21 27.21
C ALA A 84 -1.80 -13.25 25.88
N THR A 85 -1.74 -14.38 25.20
CA THR A 85 -2.42 -14.53 23.92
C THR A 85 -3.92 -14.69 24.20
N VAL A 86 -4.72 -13.82 23.60
CA VAL A 86 -6.17 -13.84 23.77
C VAL A 86 -6.82 -14.58 22.61
N TRP A 87 -6.28 -14.36 21.42
CA TRP A 87 -6.78 -14.98 20.21
C TRP A 87 -5.63 -15.18 19.24
N SER A 88 -5.70 -16.25 18.45
CA SER A 88 -4.66 -16.49 17.47
C SER A 88 -5.30 -17.18 16.28
N GLU A 89 -4.69 -17.03 15.12
CA GLU A 89 -5.21 -17.63 13.91
C GLU A 89 -4.06 -17.85 12.95
N PRO A 90 -4.16 -18.87 12.09
CA PRO A 90 -3.09 -19.10 11.13
C PRO A 90 -3.19 -18.08 10.00
N ARG A 91 -2.11 -17.96 9.23
CA ARG A 91 -2.07 -17.06 8.09
C ARG A 91 -1.30 -17.81 7.01
N GLY A 92 -1.46 -17.38 5.76
CA GLY A 92 -0.75 -18.02 4.68
C GLY A 92 -1.16 -19.45 4.39
N VAL A 93 -0.20 -20.26 3.95
CA VAL A 93 -0.46 -21.65 3.59
C VAL A 93 -1.09 -22.47 4.72
N GLU A 94 -0.62 -22.27 5.95
CA GLU A 94 -1.17 -23.01 7.08
C GLU A 94 -2.63 -22.65 7.36
N ALA A 95 -3.09 -21.53 6.84
CA ALA A 95 -4.47 -21.11 7.02
C ALA A 95 -5.33 -21.65 5.88
N GLY A 96 -4.75 -22.50 5.04
CA GLY A 96 -5.49 -23.08 3.93
C GLY A 96 -5.35 -22.38 2.60
N ASN A 97 -4.41 -21.45 2.51
CA ASN A 97 -4.21 -20.71 1.26
C ASN A 97 -3.20 -21.46 0.39
N ALA A 98 -3.37 -21.39 -0.91
CA ALA A 98 -2.45 -22.07 -1.83
C ALA A 98 -1.06 -21.42 -1.79
N TYR A 99 -1.03 -20.12 -1.53
CA TYR A 99 0.21 -19.37 -1.47
C TYR A 99 0.37 -18.67 -0.13
N PRO A 100 1.61 -18.35 0.25
CA PRO A 100 1.82 -17.67 1.53
C PRO A 100 1.42 -16.20 1.52
N GLN A 101 1.26 -15.66 2.72
CA GLN A 101 1.00 -14.24 2.89
C GLN A 101 2.43 -13.77 3.08
N TYR A 102 2.85 -12.71 2.40
CA TYR A 102 4.20 -12.23 2.56
C TYR A 102 4.26 -10.86 3.24
N SER A 103 5.02 -10.79 4.31
CA SER A 103 5.25 -9.54 5.02
C SER A 103 6.56 -9.10 4.42
N ILE A 104 6.55 -7.94 3.77
CA ILE A 104 7.74 -7.47 3.07
C ILE A 104 7.97 -5.98 3.24
N HIS A 105 9.21 -5.56 3.03
CA HIS A 105 9.57 -4.14 3.11
C HIS A 105 9.04 -3.59 1.78
N ARG A 106 8.18 -2.57 1.84
CA ARG A 106 7.61 -2.00 0.62
C ARG A 106 8.70 -1.63 -0.39
N GLY A 107 9.82 -1.09 0.10
CA GLY A 107 10.91 -0.71 -0.77
C GLY A 107 11.48 -1.90 -1.51
N GLU A 108 11.72 -3.00 -0.79
CA GLU A 108 12.25 -4.20 -1.41
C GLU A 108 11.27 -4.67 -2.49
N LEU A 109 9.98 -4.58 -2.21
CA LEU A 109 8.98 -4.99 -3.19
C LEU A 109 9.07 -4.12 -4.44
N GLN A 110 9.19 -2.81 -4.24
CA GLN A 110 9.29 -1.91 -5.38
C GLN A 110 10.52 -2.19 -6.23
N MET A 111 11.64 -2.55 -5.60
CA MET A 111 12.85 -2.86 -6.35
C MET A 111 12.70 -4.15 -7.14
N ILE A 112 11.99 -5.12 -6.57
CA ILE A 112 11.77 -6.39 -7.25
C ILE A 112 10.94 -6.12 -8.50
N LEU A 113 9.86 -5.37 -8.33
CA LEU A 113 8.98 -5.03 -9.44
C LEU A 113 9.73 -4.21 -10.49
N LEU A 114 10.50 -3.22 -10.04
CA LEU A 114 11.25 -2.36 -10.95
C LEU A 114 12.23 -3.19 -11.76
N ALA A 115 12.94 -4.08 -11.10
CA ALA A 115 13.91 -4.95 -11.77
C ALA A 115 13.24 -5.76 -12.88
N ALA A 116 12.09 -6.34 -12.57
CA ALA A 116 11.35 -7.14 -13.54
C ALA A 116 10.86 -6.30 -14.71
N VAL A 117 10.43 -5.08 -14.44
CA VAL A 117 9.95 -4.20 -15.50
C VAL A 117 11.09 -3.83 -16.46
N ARG A 118 12.22 -3.44 -15.90
CA ARG A 118 13.37 -3.07 -16.73
C ARG A 118 13.83 -4.28 -17.55
N GLU A 119 13.81 -5.45 -16.94
CA GLU A 119 14.24 -6.69 -17.59
C GLU A 119 13.35 -7.08 -18.77
N ARG A 120 12.05 -7.10 -18.54
CA ARG A 120 11.07 -7.49 -19.56
C ARG A 120 10.66 -6.39 -20.53
N LEU A 121 10.49 -5.19 -20.02
CA LEU A 121 10.08 -4.07 -20.87
C LEU A 121 11.23 -3.25 -21.43
N GLY A 122 12.38 -3.30 -20.80
CA GLY A 122 13.46 -2.47 -21.29
C GLY A 122 13.75 -1.31 -20.33
N GLN A 123 15.00 -0.91 -20.31
CA GLN A 123 15.41 0.17 -19.44
C GLN A 123 14.90 1.56 -19.85
N GLN A 124 14.18 1.65 -20.96
CA GLN A 124 13.66 2.97 -21.39
C GLN A 124 12.23 3.13 -20.96
N ALA A 125 11.62 2.00 -20.64
CA ALA A 125 10.23 1.92 -20.18
C ALA A 125 9.82 2.80 -18.99
N VAL A 126 10.70 3.05 -18.05
CA VAL A 126 10.35 3.87 -16.89
C VAL A 126 11.04 5.22 -17.00
N ARG A 127 10.23 6.26 -17.10
CA ARG A 127 10.76 7.61 -17.19
C ARG A 127 10.55 8.31 -15.85
N THR A 128 11.66 8.49 -15.13
CA THR A 128 11.62 9.15 -13.83
C THR A 128 11.81 10.65 -13.97
N GLY A 129 11.50 11.38 -12.90
CA GLY A 129 11.63 12.82 -12.93
C GLY A 129 10.65 13.50 -13.85
N LEU A 130 9.52 12.85 -14.12
CA LEU A 130 8.48 13.42 -14.98
C LEU A 130 7.11 13.27 -14.32
N GLY A 131 6.52 14.39 -13.92
CA GLY A 131 5.22 14.34 -13.27
C GLY A 131 4.08 14.78 -14.17
N VAL A 132 3.02 13.99 -14.21
CA VAL A 132 1.86 14.32 -15.02
C VAL A 132 1.22 15.54 -14.42
N GLU A 133 0.91 16.52 -15.27
CA GLU A 133 0.34 17.80 -14.86
C GLU A 133 -0.96 18.14 -15.57
N ARG A 134 -1.04 17.80 -16.85
CA ARG A 134 -2.24 18.07 -17.63
C ARG A 134 -2.61 16.88 -18.49
N ILE A 135 -3.92 16.69 -18.68
CA ILE A 135 -4.45 15.56 -19.44
C ILE A 135 -5.59 16.01 -20.34
N GLU A 136 -5.63 15.47 -21.55
CA GLU A 136 -6.69 15.79 -22.51
C GLU A 136 -6.95 14.58 -23.39
N GLU A 137 -8.21 14.24 -23.61
CA GLU A 137 -8.49 13.14 -24.52
C GLU A 137 -8.90 13.84 -25.80
N ARG A 138 -8.03 13.72 -26.80
CA ARG A 138 -8.25 14.38 -28.08
C ARG A 138 -7.67 13.57 -29.23
N ASP A 139 -8.29 13.69 -30.40
CA ASP A 139 -7.83 13.00 -31.59
C ASP A 139 -7.71 11.49 -31.48
N GLY A 140 -8.64 10.87 -30.75
CA GLY A 140 -8.63 9.43 -30.59
C GLY A 140 -7.51 8.90 -29.71
N ARG A 141 -6.92 9.79 -28.91
CA ARG A 141 -5.82 9.40 -28.01
C ARG A 141 -5.89 10.24 -26.74
N VAL A 142 -5.03 9.94 -25.79
CA VAL A 142 -4.95 10.73 -24.58
C VAL A 142 -3.65 11.49 -24.70
N LEU A 143 -3.71 12.81 -24.56
CA LEU A 143 -2.54 13.66 -24.65
C LEU A 143 -2.17 14.07 -23.23
N ILE A 144 -0.93 13.78 -22.84
CA ILE A 144 -0.45 14.10 -21.51
C ILE A 144 0.60 15.20 -21.48
N GLY A 145 0.46 16.11 -20.53
CA GLY A 145 1.43 17.19 -20.37
C GLY A 145 2.14 16.94 -19.07
N ALA A 146 3.44 16.67 -19.14
CA ALA A 146 4.24 16.41 -17.95
C ALA A 146 5.30 17.50 -17.79
N ARG A 147 5.99 17.49 -16.65
CA ARG A 147 7.03 18.48 -16.40
C ARG A 147 8.16 17.81 -15.61
N ASP A 148 9.40 18.12 -15.97
CA ASP A 148 10.53 17.52 -15.28
C ASP A 148 11.04 18.38 -14.13
N GLY A 149 12.05 17.89 -13.43
CA GLY A 149 12.60 18.61 -12.29
C GLY A 149 13.08 20.02 -12.58
N HIS A 150 13.44 20.28 -13.83
CA HIS A 150 13.92 21.61 -14.22
C HIS A 150 12.76 22.52 -14.64
N GLY A 151 11.54 21.98 -14.57
CA GLY A 151 10.38 22.76 -14.96
C GLY A 151 10.11 22.74 -16.44
N LYS A 152 10.84 21.91 -17.18
CA LYS A 152 10.68 21.80 -18.63
C LYS A 152 9.49 20.89 -18.98
N PRO A 153 8.63 21.35 -19.91
CA PRO A 153 7.46 20.59 -20.36
C PRO A 153 7.77 19.38 -21.22
N GLN A 154 6.97 18.33 -21.06
CA GLN A 154 7.11 17.10 -21.83
C GLN A 154 5.74 16.63 -22.29
N ALA A 155 5.56 16.55 -23.60
CA ALA A 155 4.29 16.12 -24.16
C ALA A 155 4.36 14.65 -24.55
N LEU A 156 3.33 13.89 -24.20
CA LEU A 156 3.26 12.48 -24.55
C LEU A 156 1.84 12.10 -24.95
N GLY A 157 1.72 11.05 -25.74
CA GLY A 157 0.42 10.59 -26.19
C GLY A 157 0.31 9.09 -26.03
N ALA A 158 -0.91 8.60 -25.83
CA ALA A 158 -1.14 7.18 -25.66
C ALA A 158 -2.57 6.81 -26.01
N ASP A 159 -2.79 5.52 -26.25
CA ASP A 159 -4.12 5.03 -26.57
C ASP A 159 -4.86 4.75 -25.27
N VAL A 160 -4.09 4.56 -24.20
CA VAL A 160 -4.65 4.29 -22.88
C VAL A 160 -3.81 5.00 -21.81
N LEU A 161 -4.47 5.64 -20.86
CA LEU A 161 -3.76 6.28 -19.76
C LEU A 161 -4.23 5.61 -18.48
N VAL A 162 -3.29 5.03 -17.74
CA VAL A 162 -3.62 4.38 -16.48
C VAL A 162 -3.12 5.26 -15.35
N GLY A 163 -4.05 5.75 -14.53
CA GLY A 163 -3.68 6.59 -13.41
C GLY A 163 -3.34 5.74 -12.20
N ALA A 164 -2.06 5.48 -12.02
CA ALA A 164 -1.58 4.70 -10.89
C ALA A 164 -0.71 5.64 -10.08
N ASP A 165 -1.12 6.90 -10.00
CA ASP A 165 -0.33 7.90 -9.30
C ASP A 165 -0.61 8.17 -7.81
N GLY A 166 -1.06 7.14 -7.12
CA GLY A 166 -1.28 7.21 -5.69
C GLY A 166 -2.19 8.18 -4.97
N ILE A 167 -1.89 8.38 -3.70
CA ILE A 167 -2.65 9.25 -2.81
C ILE A 167 -2.95 10.64 -3.36
N HIS A 168 -1.99 11.29 -4.01
CA HIS A 168 -2.23 12.62 -4.55
C HIS A 168 -2.32 12.60 -6.07
N SER A 169 -2.97 11.56 -6.58
CA SER A 169 -3.17 11.34 -8.01
C SER A 169 -3.60 12.54 -8.84
N ALA A 170 -2.83 12.87 -9.87
CA ALA A 170 -3.18 13.98 -10.75
C ALA A 170 -4.24 13.49 -11.73
N VAL A 171 -4.16 12.21 -12.09
CA VAL A 171 -5.13 11.65 -13.02
C VAL A 171 -6.52 11.62 -12.37
N ARG A 172 -6.59 11.24 -11.10
CA ARG A 172 -7.88 11.21 -10.39
C ARG A 172 -8.49 12.61 -10.30
N ALA A 173 -7.66 13.59 -9.96
CA ALA A 173 -8.11 14.97 -9.83
C ALA A 173 -8.66 15.49 -11.15
N HIS A 174 -8.06 15.05 -12.26
CA HIS A 174 -8.50 15.44 -13.59
C HIS A 174 -9.89 14.88 -13.89
N LEU A 175 -10.08 13.61 -13.55
CA LEU A 175 -11.35 12.93 -13.78
C LEU A 175 -12.47 13.29 -12.82
N HIS A 176 -12.10 13.67 -11.60
CA HIS A 176 -13.09 14.03 -10.57
C HIS A 176 -12.66 15.34 -9.92
N PRO A 177 -12.66 16.43 -10.70
CA PRO A 177 -12.28 17.77 -10.23
C PRO A 177 -13.05 18.33 -9.05
N ASP A 178 -14.28 17.86 -8.84
CA ASP A 178 -15.11 18.36 -7.75
C ASP A 178 -15.15 17.37 -6.59
N GLN A 179 -14.12 16.53 -6.50
CA GLN A 179 -14.04 15.54 -5.45
C GLN A 179 -13.69 16.14 -4.10
N ARG A 180 -14.00 15.39 -3.07
CA ARG A 180 -13.76 15.72 -1.68
C ARG A 180 -12.26 15.69 -1.39
N PRO A 181 -11.77 16.52 -0.46
CA PRO A 181 -10.34 16.45 -0.21
C PRO A 181 -10.19 15.10 0.53
N LEU A 182 -8.97 14.68 0.83
CA LEU A 182 -8.78 13.43 1.55
C LEU A 182 -9.63 13.40 2.82
N SER A 183 -10.16 12.23 3.16
CA SER A 183 -10.99 12.07 4.36
C SER A 183 -10.16 11.50 5.50
N HIS A 184 -10.13 12.20 6.62
CA HIS A 184 -9.34 11.74 7.78
C HIS A 184 -10.11 10.66 8.53
N GLY A 185 -9.47 9.51 8.69
CA GLY A 185 -10.10 8.39 9.37
C GLY A 185 -10.19 8.50 10.88
N GLY A 186 -9.65 9.59 11.42
CA GLY A 186 -9.69 9.81 12.85
C GLY A 186 -8.62 9.09 13.64
N ILE A 187 -7.63 8.55 12.94
CA ILE A 187 -6.54 7.83 13.58
C ILE A 187 -5.20 8.38 13.12
N THR A 188 -4.25 8.50 14.05
CA THR A 188 -2.92 8.98 13.71
C THR A 188 -1.99 7.76 13.76
N MET A 189 -1.15 7.62 12.75
CA MET A 189 -0.26 6.48 12.65
C MET A 189 1.23 6.80 12.70
N TRP A 190 1.96 5.97 13.42
CA TRP A 190 3.42 6.06 13.50
C TRP A 190 3.86 4.64 13.14
N ARG A 191 4.92 4.53 12.35
CA ARG A 191 5.38 3.20 11.97
C ARG A 191 6.87 3.25 11.72
N GLY A 192 7.50 2.08 11.78
CA GLY A 192 8.93 2.01 11.57
C GLY A 192 9.38 0.58 11.71
N VAL A 193 10.70 0.37 11.73
CA VAL A 193 11.25 -0.95 11.88
C VAL A 193 12.29 -0.91 12.99
N THR A 194 12.45 -2.03 13.67
CA THR A 194 13.40 -2.15 14.76
C THR A 194 14.01 -3.54 14.66
N GLU A 195 15.33 -3.62 14.80
CA GLU A 195 16.01 -4.89 14.70
C GLU A 195 15.89 -5.67 16.01
N PHE A 196 15.59 -6.96 15.89
CA PHE A 196 15.43 -7.84 17.03
C PHE A 196 16.36 -9.04 16.92
N ASP A 197 17.02 -9.38 18.03
CA ASP A 197 17.89 -10.55 18.05
C ASP A 197 16.97 -11.74 17.77
N ARG A 198 15.79 -11.70 18.35
CA ARG A 198 14.77 -12.73 18.16
C ARG A 198 13.39 -12.16 18.40
N PHE A 199 12.41 -12.67 17.66
CA PHE A 199 11.02 -12.24 17.83
C PHE A 199 10.16 -13.44 17.52
N LEU A 200 9.74 -14.12 18.58
CA LEU A 200 8.95 -15.34 18.47
C LEU A 200 9.66 -16.26 17.48
N ASP A 201 8.93 -16.83 16.53
CA ASP A 201 9.57 -17.72 15.55
C ASP A 201 10.03 -17.01 14.28
N GLY A 202 10.02 -15.69 14.31
CA GLY A 202 10.46 -14.91 13.16
C GLY A 202 9.46 -14.81 12.03
N LYS A 203 8.25 -15.32 12.27
CA LYS A 203 7.22 -15.28 11.24
C LYS A 203 5.82 -15.21 11.83
N THR A 204 5.71 -14.53 12.98
CA THR A 204 4.42 -14.39 13.65
C THR A 204 4.10 -12.91 13.87
N MET A 205 2.87 -12.53 13.54
CA MET A 205 2.40 -11.17 13.71
C MET A 205 1.73 -11.01 15.06
N ILE A 206 2.00 -9.90 15.72
CA ILE A 206 1.47 -9.58 17.04
C ILE A 206 0.55 -8.37 16.96
N VAL A 207 -0.61 -8.43 17.63
CA VAL A 207 -1.54 -7.31 17.65
C VAL A 207 -1.97 -7.04 19.09
N ALA A 208 -2.12 -5.78 19.46
CA ALA A 208 -2.53 -5.43 20.81
C ALA A 208 -3.15 -4.05 20.87
N ASN A 209 -4.00 -3.83 21.87
CA ASN A 209 -4.63 -2.52 22.06
C ASN A 209 -5.07 -2.36 23.51
N ASP A 210 -5.09 -1.14 24.00
CA ASP A 210 -5.50 -0.89 25.37
C ASP A 210 -6.91 -0.30 25.42
N GLU A 211 -7.42 -0.11 26.63
CA GLU A 211 -8.75 0.42 26.83
C GLU A 211 -8.94 1.84 26.29
N HIS A 212 -7.83 2.50 25.93
CA HIS A 212 -7.89 3.86 25.38
C HIS A 212 -7.86 3.79 23.85
N TRP A 213 -7.97 2.59 23.31
CA TRP A 213 -7.96 2.36 21.86
C TRP A 213 -6.66 2.80 21.19
N SER A 214 -5.54 2.56 21.86
CA SER A 214 -4.23 2.82 21.28
C SER A 214 -3.93 1.41 20.78
N ARG A 215 -3.48 1.28 19.52
CA ARG A 215 -3.20 -0.04 18.96
C ARG A 215 -1.76 -0.24 18.53
N LEU A 216 -1.31 -1.50 18.57
CA LEU A 216 0.02 -1.88 18.15
C LEU A 216 -0.07 -3.11 17.26
N VAL A 217 0.69 -3.09 16.16
CA VAL A 217 0.76 -4.22 15.25
C VAL A 217 2.25 -4.37 14.97
N ALA A 218 2.79 -5.57 15.13
CA ALA A 218 4.21 -5.80 14.88
C ALA A 218 4.42 -7.13 14.18
N TYR A 219 5.31 -7.14 13.20
CA TYR A 219 5.58 -8.36 12.45
C TYR A 219 6.91 -8.29 11.68
N PRO A 220 7.64 -9.42 11.61
CA PRO A 220 8.92 -9.50 10.89
C PRO A 220 8.71 -9.35 9.40
N ILE A 221 9.66 -8.72 8.72
CA ILE A 221 9.55 -8.50 7.28
C ILE A 221 10.81 -8.78 6.46
N SER A 222 11.88 -9.22 7.11
CA SER A 222 13.14 -9.45 6.40
C SER A 222 13.68 -10.88 6.39
N ALA A 223 13.64 -11.52 5.22
CA ALA A 223 14.16 -12.87 5.08
C ALA A 223 15.68 -12.88 5.31
N ARG A 224 16.34 -11.81 4.90
CA ARG A 224 17.79 -11.70 5.06
C ARG A 224 18.16 -11.73 6.54
N HIS A 225 17.42 -10.98 7.35
CA HIS A 225 17.66 -10.96 8.78
C HIS A 225 17.40 -12.36 9.35
N ALA A 226 16.30 -12.97 8.92
CA ALA A 226 15.93 -14.30 9.39
C ALA A 226 17.01 -15.33 9.07
N ALA A 227 17.72 -15.12 7.97
CA ALA A 227 18.78 -16.02 7.55
C ALA A 227 19.83 -16.18 8.65
N GLU A 228 19.85 -15.23 9.59
CA GLU A 228 20.81 -15.26 10.68
C GLU A 228 20.12 -15.45 12.03
N GLY A 229 18.88 -15.89 12.01
CA GLY A 229 18.15 -16.09 13.25
C GLY A 229 17.71 -14.78 13.88
N LYS A 230 17.93 -13.68 13.17
CA LYS A 230 17.51 -12.37 13.67
C LYS A 230 16.25 -11.92 12.93
N SER A 231 15.68 -10.80 13.36
CA SER A 231 14.44 -10.34 12.73
C SER A 231 14.32 -8.82 12.62
N LEU A 232 13.77 -8.35 11.50
CA LEU A 232 13.55 -6.92 11.32
C LEU A 232 12.06 -6.79 11.58
N VAL A 233 11.72 -6.27 12.74
CA VAL A 233 10.33 -6.14 13.14
C VAL A 233 9.68 -4.83 12.71
N ASN A 234 8.69 -4.94 11.84
CA ASN A 234 7.94 -3.77 11.37
C ASN A 234 6.91 -3.53 12.46
N TRP A 235 6.65 -2.26 12.77
CA TRP A 235 5.65 -1.97 13.78
C TRP A 235 4.82 -0.75 13.40
N VAL A 236 3.56 -0.77 13.85
CA VAL A 236 2.65 0.33 13.60
C VAL A 236 1.89 0.61 14.87
N CYS A 237 1.86 1.89 15.25
CA CYS A 237 1.13 2.34 16.43
C CYS A 237 0.01 3.22 15.91
N MET A 238 -1.21 2.94 16.34
CA MET A 238 -2.38 3.71 15.91
C MET A 238 -3.08 4.31 17.13
N VAL A 239 -3.22 5.63 17.11
CA VAL A 239 -3.85 6.34 18.22
C VAL A 239 -4.92 7.30 17.69
N PRO A 240 -6.04 7.45 18.43
CA PRO A 240 -7.10 8.37 17.97
C PRO A 240 -6.51 9.75 17.73
N SER A 241 -6.76 10.31 16.56
CA SER A 241 -6.23 11.63 16.22
C SER A 241 -6.72 12.72 17.19
N ALA A 242 -7.86 12.49 17.81
CA ALA A 242 -8.42 13.45 18.77
C ALA A 242 -7.46 13.67 19.93
N ALA A 243 -6.62 12.67 20.20
CA ALA A 243 -5.65 12.75 21.29
C ALA A 243 -4.36 13.44 20.89
N VAL A 244 -4.10 13.47 19.59
CA VAL A 244 -2.87 14.03 19.05
C VAL A 244 -2.88 15.47 18.55
N GLY A 245 -3.96 15.89 17.91
CA GLY A 245 -3.99 17.22 17.37
C GLY A 245 -3.44 17.06 15.96
N GLN A 246 -3.23 18.15 15.23
CA GLN A 246 -2.73 18.02 13.87
C GLN A 246 -1.24 17.75 13.74
N LEU A 247 -0.92 16.66 13.05
CA LEU A 247 0.47 16.27 12.83
C LEU A 247 1.09 17.16 11.76
N ASP A 248 0.46 17.22 10.59
CA ASP A 248 0.97 18.04 9.50
C ASP A 248 -0.14 18.66 8.68
N ASN A 249 0.25 19.42 7.65
CA ASN A 249 -0.71 20.07 6.78
C ASN A 249 -1.23 19.10 5.72
N GLU A 250 -0.39 18.17 5.30
CA GLU A 250 -0.80 17.20 4.29
C GLU A 250 -0.23 15.81 4.55
N ALA A 251 -0.95 14.78 4.12
CA ALA A 251 -0.53 13.39 4.30
C ALA A 251 0.67 13.09 3.40
N ASP A 252 1.70 12.48 3.98
CA ASP A 252 2.95 12.18 3.28
C ASP A 252 3.40 10.76 3.66
N TRP A 253 3.68 9.91 2.68
CA TRP A 253 4.12 8.54 2.96
C TRP A 253 5.56 8.45 3.49
N ASN A 254 6.32 9.52 3.38
CA ASN A 254 7.71 9.49 3.83
C ASN A 254 8.02 10.67 4.76
N ARG A 255 7.15 10.88 5.75
CA ARG A 255 7.29 11.97 6.70
C ARG A 255 7.82 11.43 8.03
N ASP A 256 8.98 11.92 8.45
CA ASP A 256 9.56 11.47 9.70
C ASP A 256 8.72 11.83 10.92
N GLY A 257 8.67 10.91 11.88
CA GLY A 257 7.91 11.14 13.10
C GLY A 257 8.84 11.30 14.28
N ARG A 258 8.27 11.54 15.46
CA ARG A 258 9.06 11.73 16.66
C ARG A 258 8.68 10.74 17.76
N LEU A 259 9.68 10.13 18.38
CA LEU A 259 9.44 9.17 19.45
C LEU A 259 8.63 9.81 20.57
N GLU A 260 8.92 11.07 20.87
CA GLU A 260 8.22 11.78 21.94
C GLU A 260 6.75 12.03 21.67
N ASP A 261 6.31 11.89 20.42
CA ASP A 261 4.91 12.09 20.08
C ASP A 261 4.10 10.80 20.28
N VAL A 262 4.72 9.67 19.98
CA VAL A 262 4.06 8.38 20.10
C VAL A 262 4.27 7.64 21.43
N LEU A 263 5.49 7.65 21.96
CA LEU A 263 5.76 6.92 23.20
C LEU A 263 4.81 7.18 24.38
N PRO A 264 4.42 8.44 24.61
CA PRO A 264 3.51 8.72 25.73
C PRO A 264 2.23 7.88 25.76
N PHE A 265 1.74 7.48 24.58
CA PHE A 265 0.52 6.69 24.52
C PHE A 265 0.74 5.23 24.93
N PHE A 266 1.99 4.79 24.86
CA PHE A 266 2.31 3.41 25.21
C PHE A 266 3.26 3.35 26.41
N ALA A 267 3.50 4.49 27.05
CA ALA A 267 4.40 4.57 28.19
C ALA A 267 3.94 3.79 29.43
N ASP A 268 2.65 3.51 29.53
CA ASP A 268 2.14 2.78 30.67
C ASP A 268 1.95 1.30 30.36
N TRP A 269 2.27 0.91 29.13
CA TRP A 269 2.15 -0.48 28.70
C TRP A 269 3.27 -1.34 29.27
N ASP A 270 2.94 -2.57 29.65
CA ASP A 270 3.94 -3.52 30.11
C ASP A 270 3.42 -4.90 29.73
N LEU A 271 3.80 -5.35 28.55
CA LEU A 271 3.34 -6.64 28.07
C LEU A 271 4.23 -7.78 28.53
N GLY A 272 5.08 -7.50 29.52
CA GLY A 272 5.96 -8.52 30.06
C GLY A 272 7.05 -9.03 29.13
N TRP A 273 6.79 -10.17 28.50
CA TRP A 273 7.74 -10.79 27.58
C TRP A 273 8.12 -9.90 26.40
N PHE A 274 7.20 -9.04 26.00
CA PHE A 274 7.41 -8.13 24.87
C PHE A 274 7.55 -6.70 25.41
N ASP A 275 8.71 -6.10 25.18
CA ASP A 275 9.01 -4.75 25.67
C ASP A 275 8.68 -3.68 24.62
N ILE A 276 7.52 -3.01 24.76
CA ILE A 276 7.15 -2.00 23.77
C ILE A 276 8.02 -0.75 23.83
N ARG A 277 8.55 -0.42 25.01
CA ARG A 277 9.42 0.75 25.14
C ARG A 277 10.68 0.48 24.32
N ASP A 278 11.16 -0.75 24.38
CA ASP A 278 12.35 -1.18 23.63
C ASP A 278 12.07 -1.10 22.13
N LEU A 279 10.94 -1.65 21.72
CA LEU A 279 10.52 -1.66 20.32
C LEU A 279 10.56 -0.27 19.70
N LEU A 280 10.00 0.71 20.42
CA LEU A 280 9.94 2.08 19.92
C LEU A 280 11.25 2.84 20.05
N THR A 281 11.87 2.74 21.22
CA THR A 281 13.13 3.44 21.49
C THR A 281 14.29 3.05 20.57
N ARG A 282 14.39 1.78 20.21
CA ARG A 282 15.47 1.31 19.35
C ARG A 282 15.15 1.30 17.86
N ASN A 283 14.10 2.01 17.46
CA ASN A 283 13.72 2.06 16.05
C ASN A 283 14.84 2.52 15.13
N GLN A 284 14.83 2.02 13.89
CA GLN A 284 15.80 2.41 12.88
C GLN A 284 15.25 3.70 12.26
N LEU A 285 13.93 3.86 12.33
CA LEU A 285 13.25 5.06 11.84
C LEU A 285 11.80 5.08 12.29
N ILE A 286 11.21 6.28 12.34
CA ILE A 286 9.82 6.45 12.72
C ILE A 286 9.21 7.38 11.68
N LEU A 287 8.08 6.96 11.13
CA LEU A 287 7.37 7.75 10.12
C LEU A 287 5.97 8.06 10.67
N GLN A 288 5.45 9.24 10.36
CA GLN A 288 4.13 9.64 10.83
C GLN A 288 3.19 9.80 9.64
N TYR A 289 1.92 9.46 9.85
CA TYR A 289 0.96 9.53 8.76
C TYR A 289 -0.47 9.54 9.30
N PRO A 290 -1.32 10.45 8.81
CA PRO A 290 -2.71 10.50 9.27
C PRO A 290 -3.45 9.41 8.50
N MET A 291 -4.25 8.61 9.19
CA MET A 291 -4.97 7.52 8.53
C MET A 291 -6.08 8.09 7.65
N VAL A 292 -5.76 8.30 6.38
CA VAL A 292 -6.70 8.87 5.42
C VAL A 292 -7.16 7.89 4.34
N ASP A 293 -8.29 8.22 3.72
CA ASP A 293 -8.84 7.45 2.62
C ASP A 293 -9.64 8.44 1.77
N ARG A 294 -10.38 7.95 0.80
CA ARG A 294 -11.20 8.82 -0.04
C ARG A 294 -12.58 8.20 -0.19
N ASP A 295 -13.60 9.06 -0.29
CA ASP A 295 -14.97 8.61 -0.46
C ASP A 295 -15.09 7.72 -1.69
N PRO A 296 -15.97 6.69 -1.63
CA PRO A 296 -16.17 5.80 -2.76
C PRO A 296 -16.68 6.63 -3.94
N LEU A 297 -16.27 6.28 -5.15
CA LEU A 297 -16.69 7.00 -6.35
C LEU A 297 -17.75 6.20 -7.11
N PRO A 298 -18.66 6.88 -7.82
CA PRO A 298 -19.70 6.20 -8.60
C PRO A 298 -19.13 5.59 -9.88
N HIS A 299 -17.99 6.11 -10.32
CA HIS A 299 -17.31 5.58 -11.50
C HIS A 299 -15.85 6.02 -11.47
N TRP A 300 -14.96 5.20 -12.02
CA TRP A 300 -13.54 5.52 -12.02
C TRP A 300 -13.02 6.24 -13.25
N GLY A 301 -13.17 5.62 -14.41
CA GLY A 301 -12.64 6.22 -15.62
C GLY A 301 -13.61 6.96 -16.51
N ARG A 302 -13.06 7.43 -17.64
CA ARG A 302 -13.80 8.16 -18.65
C ARG A 302 -13.02 7.94 -19.93
N GLY A 303 -13.70 7.53 -20.99
CA GLY A 303 -13.03 7.30 -22.25
C GLY A 303 -11.85 6.36 -22.14
N ARG A 304 -10.69 6.81 -22.61
CA ARG A 304 -9.47 6.03 -22.61
C ARG A 304 -8.62 6.17 -21.33
N ILE A 305 -9.20 6.74 -20.27
CA ILE A 305 -8.46 6.95 -19.03
C ILE A 305 -9.07 6.14 -17.89
N THR A 306 -8.23 5.51 -17.07
CA THR A 306 -8.74 4.75 -15.94
C THR A 306 -7.83 5.01 -14.72
N LEU A 307 -8.20 4.42 -13.59
CA LEU A 307 -7.42 4.56 -12.36
C LEU A 307 -7.12 3.19 -11.76
N LEU A 308 -6.04 3.10 -10.99
CA LEU A 308 -5.64 1.84 -10.38
C LEU A 308 -4.90 2.11 -9.06
N GLY A 309 -5.03 1.18 -8.12
CA GLY A 309 -4.37 1.33 -6.83
C GLY A 309 -4.95 2.48 -6.00
N ASP A 310 -4.09 3.15 -5.25
CA ASP A 310 -4.54 4.26 -4.42
C ASP A 310 -5.23 5.39 -5.19
N ALA A 311 -4.82 5.61 -6.44
CA ALA A 311 -5.44 6.66 -7.24
C ALA A 311 -6.92 6.37 -7.45
N ALA A 312 -7.24 5.07 -7.44
CA ALA A 312 -8.63 4.65 -7.64
C ALA A 312 -9.39 4.48 -6.34
N HIS A 313 -8.74 3.89 -5.34
CA HIS A 313 -9.40 3.59 -4.08
C HIS A 313 -8.51 3.64 -2.84
N LEU A 314 -7.93 4.80 -2.55
CA LEU A 314 -7.08 4.94 -1.38
C LEU A 314 -7.79 4.42 -0.12
N MET A 315 -7.10 3.57 0.63
CA MET A 315 -7.64 2.98 1.86
C MET A 315 -6.68 3.11 3.05
N TYR A 316 -7.20 2.91 4.26
CA TYR A 316 -6.38 2.97 5.46
C TYR A 316 -5.33 1.88 5.28
N PRO A 317 -4.07 2.15 5.67
CA PRO A 317 -3.03 1.13 5.52
C PRO A 317 -3.07 0.06 6.60
N MET A 318 -3.95 -0.92 6.40
CA MET A 318 -4.12 -2.04 7.33
C MET A 318 -4.72 -3.25 6.61
N GLY A 319 -4.53 -4.42 7.19
CA GLY A 319 -5.06 -5.64 6.61
C GLY A 319 -4.57 -5.93 5.21
N ALA A 320 -5.52 -6.17 4.29
CA ALA A 320 -5.17 -6.46 2.91
C ALA A 320 -5.41 -5.25 2.01
N ASN A 321 -5.49 -4.06 2.61
CA ASN A 321 -5.70 -2.85 1.84
C ASN A 321 -4.36 -2.44 1.22
N GLY A 322 -4.43 -1.59 0.21
CA GLY A 322 -3.21 -1.10 -0.41
C GLY A 322 -2.58 -1.93 -1.50
N ALA A 323 -1.33 -2.32 -1.28
CA ALA A 323 -0.56 -3.10 -2.24
C ALA A 323 -1.29 -4.31 -2.82
N SER A 324 -1.90 -5.12 -1.96
CA SER A 324 -2.62 -6.29 -2.42
C SER A 324 -3.72 -5.96 -3.41
N GLN A 325 -4.45 -4.88 -3.14
CA GLN A 325 -5.55 -4.47 -4.01
C GLN A 325 -5.04 -3.89 -5.32
N ALA A 326 -3.94 -3.14 -5.25
CA ALA A 326 -3.36 -2.54 -6.46
C ALA A 326 -2.86 -3.63 -7.38
N ILE A 327 -2.24 -4.65 -6.80
CA ILE A 327 -1.72 -5.77 -7.58
C ILE A 327 -2.88 -6.46 -8.31
N LEU A 328 -3.94 -6.79 -7.60
CA LEU A 328 -5.09 -7.45 -8.21
C LEU A 328 -5.80 -6.56 -9.25
N ASP A 329 -5.75 -5.24 -9.07
CA ASP A 329 -6.35 -4.33 -10.05
C ASP A 329 -5.60 -4.55 -11.37
N GLY A 330 -4.28 -4.55 -11.29
CA GLY A 330 -3.44 -4.73 -12.47
C GLY A 330 -3.78 -5.97 -13.29
N ILE A 331 -3.95 -7.10 -12.59
CA ILE A 331 -4.28 -8.35 -13.26
C ILE A 331 -5.62 -8.25 -13.98
N GLU A 332 -6.60 -7.63 -13.33
CA GLU A 332 -7.92 -7.49 -13.92
C GLU A 332 -7.90 -6.52 -15.11
N LEU A 333 -7.13 -5.45 -15.00
CA LEU A 333 -7.06 -4.47 -16.09
C LEU A 333 -6.46 -5.13 -17.33
N ALA A 334 -5.39 -5.89 -17.14
CA ALA A 334 -4.74 -6.57 -18.25
C ALA A 334 -5.69 -7.58 -18.88
N ALA A 335 -6.44 -8.29 -18.05
CA ALA A 335 -7.40 -9.28 -18.55
C ALA A 335 -8.51 -8.60 -19.35
N ALA A 336 -8.99 -7.48 -18.85
CA ALA A 336 -10.06 -6.73 -19.52
C ALA A 336 -9.61 -6.22 -20.89
N LEU A 337 -8.38 -5.71 -20.97
CA LEU A 337 -7.84 -5.22 -22.23
C LEU A 337 -7.60 -6.37 -23.21
N ALA A 338 -7.30 -7.55 -22.68
CA ALA A 338 -7.05 -8.73 -23.52
C ALA A 338 -8.36 -9.34 -24.04
N ARG A 339 -9.44 -9.14 -23.30
CA ARG A 339 -10.77 -9.67 -23.64
C ARG A 339 -11.65 -8.78 -24.51
N ASN A 340 -11.34 -7.48 -24.56
CA ASN A 340 -12.16 -6.55 -25.32
C ASN A 340 -11.41 -5.83 -26.43
N ALA A 341 -12.05 -5.72 -27.60
CA ALA A 341 -11.41 -5.06 -28.74
C ALA A 341 -11.39 -3.54 -28.60
N ASP A 342 -12.44 -2.98 -27.99
CA ASP A 342 -12.53 -1.53 -27.79
C ASP A 342 -11.88 -1.14 -26.47
N VAL A 343 -10.96 -0.17 -26.52
CA VAL A 343 -10.26 0.30 -25.34
C VAL A 343 -11.19 0.81 -24.24
N ALA A 344 -12.08 1.73 -24.60
CA ALA A 344 -13.02 2.29 -23.63
C ALA A 344 -13.85 1.22 -22.93
N ALA A 345 -14.39 0.28 -23.70
CA ALA A 345 -15.20 -0.80 -23.12
C ALA A 345 -14.36 -1.66 -22.17
N ALA A 346 -13.11 -1.90 -22.56
CA ALA A 346 -12.22 -2.70 -21.73
C ALA A 346 -12.02 -2.03 -20.38
N LEU A 347 -11.78 -0.72 -20.40
CA LEU A 347 -11.56 0.02 -19.17
C LEU A 347 -12.79 0.01 -18.28
N ARG A 348 -13.97 0.14 -18.88
CA ARG A 348 -15.20 0.14 -18.10
C ARG A 348 -15.44 -1.24 -17.47
N GLU A 349 -15.12 -2.30 -18.20
CA GLU A 349 -15.32 -3.65 -17.66
C GLU A 349 -14.38 -3.87 -16.48
N TYR A 350 -13.14 -3.43 -16.62
CA TYR A 350 -12.14 -3.56 -15.55
C TYR A 350 -12.65 -2.82 -14.31
N GLU A 351 -13.08 -1.59 -14.50
CA GLU A 351 -13.58 -0.77 -13.39
C GLU A 351 -14.78 -1.36 -12.68
N GLU A 352 -15.76 -1.86 -13.43
CA GLU A 352 -16.94 -2.39 -12.77
C GLU A 352 -16.70 -3.74 -12.13
N ALA A 353 -15.54 -4.31 -12.38
CA ALA A 353 -15.16 -5.58 -11.79
C ALA A 353 -14.42 -5.31 -10.48
N ARG A 354 -13.74 -4.17 -10.41
CA ARG A 354 -12.96 -3.83 -9.21
C ARG A 354 -13.50 -2.74 -8.30
N ARG A 355 -14.25 -1.79 -8.86
CA ARG A 355 -14.80 -0.69 -8.06
C ARG A 355 -15.80 -1.08 -6.98
N PRO A 356 -16.79 -1.94 -7.31
CA PRO A 356 -17.75 -2.35 -6.29
C PRO A 356 -17.07 -2.98 -5.09
N THR A 357 -16.05 -3.80 -5.36
CA THR A 357 -15.28 -4.47 -4.33
C THR A 357 -14.59 -3.43 -3.44
N ALA A 358 -13.83 -2.55 -4.08
CA ALA A 358 -13.10 -1.51 -3.38
C ALA A 358 -14.02 -0.67 -2.50
N ASN A 359 -15.15 -0.23 -3.05
CA ASN A 359 -16.10 0.59 -2.32
C ASN A 359 -16.67 -0.11 -1.10
N LYS A 360 -16.87 -1.42 -1.19
CA LYS A 360 -17.40 -2.17 -0.06
C LYS A 360 -16.36 -2.20 1.06
N ILE A 361 -15.09 -2.37 0.71
CA ILE A 361 -14.02 -2.40 1.71
C ILE A 361 -13.90 -1.05 2.41
N ILE A 362 -13.91 0.03 1.63
CA ILE A 362 -13.83 1.38 2.17
C ILE A 362 -14.94 1.67 3.19
N LEU A 363 -16.18 1.43 2.77
CA LEU A 363 -17.33 1.67 3.64
C LEU A 363 -17.31 0.79 4.90
N ALA A 364 -16.88 -0.46 4.75
CA ALA A 364 -16.84 -1.36 5.91
C ALA A 364 -15.73 -0.98 6.88
N ASN A 365 -14.58 -0.56 6.33
CA ASN A 365 -13.44 -0.16 7.15
C ASN A 365 -13.83 1.05 8.00
N ARG A 366 -14.52 1.99 7.37
CA ARG A 366 -14.96 3.20 8.05
C ARG A 366 -15.94 2.88 9.19
N GLU A 367 -16.86 1.97 8.92
CA GLU A 367 -17.84 1.60 9.93
C GLU A 367 -17.21 0.92 11.13
N ARG A 368 -16.23 0.04 10.89
CA ARG A 368 -15.56 -0.65 11.99
C ARG A 368 -14.79 0.35 12.85
N GLU A 369 -14.07 1.27 12.21
CA GLU A 369 -13.30 2.28 12.94
C GLU A 369 -14.23 3.18 13.75
N LYS A 370 -15.37 3.55 13.16
CA LYS A 370 -16.34 4.41 13.84
C LYS A 370 -16.91 3.70 15.06
N GLU A 371 -17.26 2.42 14.91
CA GLU A 371 -17.82 1.64 15.99
C GLU A 371 -16.84 1.50 17.16
N GLU A 372 -15.57 1.26 16.84
CA GLU A 372 -14.54 1.11 17.88
C GLU A 372 -14.36 2.42 18.64
N TRP A 373 -14.35 3.53 17.92
CA TRP A 373 -14.19 4.84 18.55
C TRP A 373 -15.36 5.12 19.49
N ALA A 374 -16.57 4.81 19.02
CA ALA A 374 -17.76 5.05 19.83
C ALA A 374 -17.77 4.20 21.10
N ALA A 375 -17.35 2.95 20.97
CA ALA A 375 -17.31 2.02 22.11
C ALA A 375 -16.26 2.46 23.12
N ALA A 376 -15.09 2.82 22.61
CA ALA A 376 -13.98 3.25 23.46
C ALA A 376 -14.27 4.57 24.18
N SER A 377 -15.17 5.37 23.61
CA SER A 377 -15.48 6.67 24.20
C SER A 377 -16.36 6.64 25.45
N ARG A 378 -17.09 5.56 25.70
CA ARG A 378 -17.90 5.57 26.91
C ARG A 378 -17.24 4.94 28.13
N PRO A 379 -17.40 5.62 29.29
CA PRO A 379 -16.85 5.20 30.59
C PRO A 379 -17.40 3.83 30.98
N GLU A 399 -7.58 -4.82 30.03
CA GLU A 399 -7.15 -3.96 28.94
C GLU A 399 -6.54 -2.66 29.44
N ARG A 400 -6.45 -2.51 30.77
CA ARG A 400 -5.84 -1.31 31.32
C ARG A 400 -4.33 -1.49 31.32
N PRO A 401 -3.60 -0.50 30.79
CA PRO A 401 -2.13 -0.57 30.76
C PRO A 401 -1.71 -0.82 32.20
N ARG A 402 -0.95 -1.88 32.42
CA ARG A 402 -0.51 -2.29 33.76
C ARG A 402 0.25 -1.29 34.61
N LEU A 403 0.77 -0.24 33.99
CA LEU A 403 1.55 0.78 34.70
C LEU A 403 0.74 2.01 35.05
#